data_8U24
#
_entry.id   8U24
#
_cell.length_a   82.290
_cell.length_b   82.290
_cell.length_c   84.869
_cell.angle_alpha   90.000
_cell.angle_beta   90.000
_cell.angle_gamma   90.000
#
_symmetry.space_group_name_H-M   'P 43 21 2'
#
loop_
_entity.id
_entity.type
_entity.pdbx_description
1 polymer 'Green Fluorescent Protein Variant #9, ccGFP 9'
2 water water
#
_entity_poly.entity_id   1
_entity_poly.type   'polypeptide(L)'
_entity_poly.pdbx_seq_one_letter_code
;MSMEKQVLKENMKTTYHMDGSVDGHYFEIEGEGTGNPFKGEQELKLRVTKGGPLPFAFDILSPTF(C12)NRVFTDYPED
MPDYFKQSLPEGYSWERTMMYEDGATATASARISLDKNGFVHKSTFHGENFPANGPVMKKKGVDWEPSSETITPEDGILK
GDVEMFLVLEGGQRLKALFQTTYKANKVVKMPPRHKIEHRLVRSEDGETIQLQEHAVAKYFTE
;
_entity_poly.pdbx_strand_id   A
#
# COMPACT_ATOMS: atom_id res chain seq x y z
N VAL A 7 4.02 17.49 13.46
CA VAL A 7 5.04 16.76 14.21
C VAL A 7 4.71 15.27 14.15
N LEU A 8 5.74 14.43 14.24
CA LEU A 8 5.60 12.99 14.03
C LEU A 8 5.82 12.27 15.35
N LYS A 9 4.77 11.62 15.85
CA LYS A 9 4.77 11.00 17.17
C LYS A 9 5.18 9.54 17.10
N GLU A 10 5.63 9.01 18.24
CA GLU A 10 5.99 7.60 18.31
C GLU A 10 4.78 6.70 18.07
N ASN A 11 3.58 7.17 18.39
CA ASN A 11 2.33 6.49 18.03
C ASN A 11 1.51 7.44 17.17
N MET A 12 1.32 7.11 15.90
CA MET A 12 0.60 7.95 14.97
C MET A 12 -0.68 7.25 14.51
N LYS A 13 -1.79 7.99 14.48
CA LYS A 13 -3.06 7.48 13.97
C LYS A 13 -3.27 7.92 12.52
N THR A 14 -4.17 7.20 11.84
CA THR A 14 -4.58 7.50 10.47
C THR A 14 -6.09 7.32 10.37
N THR A 15 -6.73 8.14 9.55
CA THR A 15 -8.09 7.89 9.09
C THR A 15 -8.06 7.65 7.59
N TYR A 16 -8.78 6.61 7.12
CA TYR A 16 -8.71 6.16 5.74
C TYR A 16 -10.04 6.33 5.03
N HIS A 17 -9.99 6.79 3.76
CA HIS A 17 -11.13 6.69 2.86
C HIS A 17 -10.65 6.32 1.47
N MET A 18 -11.26 5.29 0.89
CA MET A 18 -10.99 4.86 -0.48
C MET A 18 -12.28 4.85 -1.29
N ASP A 19 -12.23 5.39 -2.52
CA ASP A 19 -13.24 5.15 -3.54
C ASP A 19 -12.61 4.21 -4.57
N GLY A 20 -13.35 3.20 -5.01
CA GLY A 20 -12.74 2.33 -6.02
C GLY A 20 -13.76 1.58 -6.84
N SER A 21 -13.28 0.92 -7.89
CA SER A 21 -14.15 0.04 -8.66
C SER A 21 -13.31 -1.06 -9.28
N VAL A 22 -13.89 -2.26 -9.36
CA VAL A 22 -13.25 -3.39 -10.00
C VAL A 22 -14.25 -4.01 -10.97
N ASP A 23 -13.89 -4.03 -12.25
CA ASP A 23 -14.75 -4.46 -13.35
C ASP A 23 -16.21 -4.05 -13.16
N GLY A 24 -16.40 -2.75 -13.00
CA GLY A 24 -17.73 -2.19 -12.94
C GLY A 24 -18.41 -2.25 -11.59
N HIS A 25 -17.77 -2.79 -10.55
CA HIS A 25 -18.36 -2.83 -9.22
C HIS A 25 -17.75 -1.73 -8.36
N TYR A 26 -18.56 -0.73 -8.03
CA TYR A 26 -18.09 0.40 -7.23
C TYR A 26 -18.15 0.08 -5.74
N PHE A 27 -17.20 0.64 -4.97
CA PHE A 27 -17.17 0.42 -3.53
C PHE A 27 -16.44 1.57 -2.84
N GLU A 28 -16.67 1.68 -1.54
CA GLU A 28 -15.96 2.62 -0.68
C GLU A 28 -15.53 1.89 0.59
N ILE A 29 -14.37 2.27 1.11
CA ILE A 29 -13.81 1.67 2.31
C ILE A 29 -13.33 2.78 3.24
N GLU A 30 -13.56 2.61 4.54
CA GLU A 30 -13.07 3.55 5.54
C GLU A 30 -12.52 2.78 6.73
N GLY A 31 -11.72 3.46 7.53
CA GLY A 31 -11.20 2.83 8.71
C GLY A 31 -10.16 3.71 9.39
N GLU A 32 -9.42 3.08 10.30
CA GLU A 32 -8.46 3.75 11.16
C GLU A 32 -7.20 2.91 11.25
N GLY A 33 -6.07 3.56 11.50
CA GLY A 33 -4.83 2.86 11.74
C GLY A 33 -4.09 3.46 12.92
N THR A 34 -3.09 2.71 13.40
CA THR A 34 -2.15 3.14 14.41
C THR A 34 -0.80 2.50 14.12
N GLY A 35 0.27 3.19 14.45
CA GLY A 35 1.58 2.61 14.19
C GLY A 35 2.70 3.45 14.75
N ASN A 36 3.89 2.85 14.70
CA ASN A 36 5.14 3.52 15.06
C ASN A 36 5.90 3.81 13.78
N PRO A 37 5.95 5.05 13.30
CA PRO A 37 6.61 5.31 12.00
C PRO A 37 8.10 5.06 12.02
N PHE A 38 8.75 5.21 13.17
CA PHE A 38 10.20 5.00 13.25
C PHE A 38 10.55 3.52 13.24
N LYS A 39 9.63 2.66 13.69
CA LYS A 39 9.83 1.22 13.62
C LYS A 39 9.24 0.62 12.35
N GLY A 40 8.56 1.42 11.53
CA GLY A 40 7.97 0.90 10.31
C GLY A 40 6.85 -0.08 10.53
N GLU A 41 6.08 0.08 11.61
CA GLU A 41 5.02 -0.83 12.00
C GLU A 41 3.68 -0.09 12.02
N GLN A 42 2.63 -0.74 11.54
CA GLN A 42 1.31 -0.14 11.58
C GLN A 42 0.26 -1.24 11.57
N GLU A 43 -0.91 -0.94 12.14
CA GLU A 43 -2.04 -1.85 12.16
C GLU A 43 -3.30 -1.08 11.78
N LEU A 44 -4.09 -1.64 10.87
CA LEU A 44 -5.24 -0.96 10.31
C LEU A 44 -6.50 -1.78 10.55
N LYS A 45 -7.60 -1.07 10.74
CA LYS A 45 -8.93 -1.66 10.87
C LYS A 45 -9.82 -0.99 9.83
N LEU A 46 -10.28 -1.75 8.85
CA LEU A 46 -10.99 -1.23 7.69
C LEU A 46 -12.36 -1.89 7.58
N ARG A 47 -13.31 -1.16 7.01
N ARG A 47 -13.31 -1.16 7.01
CA ARG A 47 -14.67 -1.64 6.83
CA ARG A 47 -14.68 -1.63 6.83
C ARG A 47 -15.18 -1.20 5.46
C ARG A 47 -15.18 -1.20 5.46
N VAL A 48 -15.88 -2.09 4.77
CA VAL A 48 -16.49 -1.74 3.49
C VAL A 48 -17.75 -0.94 3.79
N THR A 49 -17.77 0.32 3.36
CA THR A 49 -18.89 1.20 3.68
C THR A 49 -19.88 1.37 2.54
N LYS A 50 -19.51 1.01 1.31
CA LYS A 50 -20.43 1.05 0.19
C LYS A 50 -20.04 -0.06 -0.77
N GLY A 51 -21.03 -0.71 -1.38
CA GLY A 51 -20.74 -1.75 -2.35
C GLY A 51 -20.34 -3.09 -1.76
N GLY A 52 -20.53 -3.28 -0.46
CA GLY A 52 -20.20 -4.55 0.17
C GLY A 52 -21.36 -5.51 0.13
N PRO A 53 -21.07 -6.82 0.14
CA PRO A 53 -19.73 -7.41 0.25
C PRO A 53 -18.95 -7.36 -1.05
N LEU A 54 -17.63 -7.26 -0.96
CA LEU A 54 -16.83 -7.17 -2.17
C LEU A 54 -16.87 -8.51 -2.88
N PRO A 55 -17.07 -8.53 -4.20
CA PRO A 55 -17.04 -9.79 -4.95
C PRO A 55 -15.64 -10.28 -5.33
N PHE A 56 -14.58 -9.65 -4.83
CA PHE A 56 -13.21 -9.99 -5.19
C PHE A 56 -12.34 -10.06 -3.93
N ALA A 57 -11.20 -10.74 -4.07
CA ALA A 57 -10.25 -10.88 -2.96
C ALA A 57 -9.78 -9.52 -2.46
N PHE A 58 -9.86 -9.30 -1.15
CA PHE A 58 -9.47 -8.01 -0.59
C PHE A 58 -7.99 -7.72 -0.85
N ASP A 59 -7.16 -8.74 -1.03
CA ASP A 59 -5.73 -8.52 -1.11
C ASP A 59 -5.34 -7.62 -2.28
N ILE A 60 -6.15 -7.57 -3.34
CA ILE A 60 -5.73 -6.72 -4.47
C ILE A 60 -5.76 -5.26 -4.06
N LEU A 61 -6.48 -4.91 -2.99
CA LEU A 61 -6.54 -3.54 -2.50
C LEU A 61 -5.50 -3.23 -1.43
N SER A 62 -5.05 -4.23 -0.68
CA SER A 62 -4.39 -3.95 0.60
C SER A 62 -3.15 -3.07 0.51
N PRO A 63 -2.24 -3.23 -0.46
CA PRO A 63 -1.08 -2.29 -0.51
C PRO A 63 -1.45 -0.85 -0.77
N THR A 64 -2.69 -0.56 -1.18
CA THR A 64 -3.11 0.83 -1.31
C THR A 64 -3.26 1.51 0.05
N PHE A 65 -3.65 0.74 1.05
CA PHE A 65 -3.84 1.25 2.41
C PHE A 65 -2.51 1.30 3.15
C1 C12 A 66 0.71 0.36 2.26
N2 C12 A 66 1.60 -0.70 1.83
CA2 C12 A 66 2.29 -0.20 0.76
CG1 C12 A 66 -1.15 -1.02 5.26
OG1 C12 A 66 -0.10 -2.08 3.40
C2 C12 A 66 1.86 1.16 0.50
O2 C12 A 66 2.35 1.98 -0.51
N3 C12 A 66 0.92 1.51 1.41
CA1 C12 A 66 -0.29 0.32 3.39
N1 C12 A 66 -1.59 0.34 2.83
CB1 C12 A 66 -0.08 -0.92 4.23
CA3 C12 A 66 0.17 2.74 1.45
C3 C12 A 66 0.82 4.00 1.94
O3 C12 A 66 0.16 4.99 1.70
CB2 C12 A 66 3.37 -0.83 -0.12
CG2 C12 A 66 3.65 -2.33 -0.06
CD1 C12 A 66 4.55 -2.82 -1.01
CE1 C12 A 66 4.89 -4.19 -1.01
CD2 C12 A 66 3.09 -3.19 0.90
CE2 C12 A 66 3.44 -4.55 0.90
CZ C12 A 66 4.33 -5.03 -0.05
OH C12 A 66 4.68 -6.39 -0.05
N ASN A 67 1.42 3.85 2.99
CA ASN A 67 1.99 5.08 3.55
C ASN A 67 3.42 4.82 3.97
N ARG A 68 4.39 5.21 3.14
CA ARG A 68 5.77 4.89 3.43
C ARG A 68 6.38 5.72 4.55
N VAL A 69 5.62 6.64 5.17
CA VAL A 69 6.10 7.25 6.40
C VAL A 69 6.35 6.16 7.44
N PHE A 70 5.59 5.06 7.38
CA PHE A 70 5.80 3.92 8.27
C PHE A 70 6.81 2.98 7.62
N THR A 71 8.08 3.38 7.69
CA THR A 71 9.20 2.58 7.20
C THR A 71 10.36 2.82 8.15
N ASP A 72 11.02 1.76 8.60
CA ASP A 72 12.18 1.90 9.48
C ASP A 72 13.39 2.25 8.63
N TYR A 73 13.78 3.52 8.64
CA TYR A 73 14.93 3.97 7.86
C TYR A 73 16.18 4.05 8.74
N PRO A 74 17.34 3.69 8.18
CA PRO A 74 18.59 3.89 8.92
C PRO A 74 18.84 5.36 9.20
N GLU A 75 19.54 5.63 10.31
CA GLU A 75 19.77 7.01 10.73
C GLU A 75 20.47 7.82 9.65
N ASP A 76 21.42 7.23 8.93
CA ASP A 76 22.21 7.97 7.97
C ASP A 76 21.61 7.97 6.56
N MET A 77 20.46 7.31 6.35
CA MET A 77 19.88 7.32 5.00
C MET A 77 18.76 8.34 4.93
N PRO A 78 18.80 9.28 3.99
CA PRO A 78 17.75 10.29 3.91
C PRO A 78 16.38 9.64 3.73
N ASP A 79 15.40 10.16 4.46
CA ASP A 79 14.06 9.59 4.55
C ASP A 79 13.12 10.50 3.77
N TYR A 80 12.87 10.12 2.50
CA TYR A 80 12.06 10.94 1.61
C TYR A 80 10.68 11.19 2.21
N PHE A 81 10.12 10.19 2.89
CA PHE A 81 8.74 10.27 3.33
C PHE A 81 8.59 11.07 4.60
N LYS A 82 9.46 10.84 5.58
CA LYS A 82 9.38 11.65 6.79
C LYS A 82 9.80 13.09 6.53
N GLN A 83 10.69 13.31 5.56
CA GLN A 83 11.04 14.68 5.20
C GLN A 83 9.86 15.42 4.57
N SER A 84 8.93 14.69 3.95
CA SER A 84 7.80 15.37 3.30
C SER A 84 6.85 16.01 4.29
N LEU A 85 6.92 15.63 5.57
CA LEU A 85 6.03 16.20 6.56
C LEU A 85 6.44 17.64 6.90
N PRO A 86 5.50 18.48 7.36
CA PRO A 86 4.08 18.21 7.66
C PRO A 86 3.16 18.18 6.43
N GLU A 87 3.64 18.62 5.27
CA GLU A 87 2.74 18.76 4.13
C GLU A 87 2.30 17.39 3.60
N GLY A 88 3.18 16.41 3.61
CA GLY A 88 2.83 15.09 3.12
C GLY A 88 3.35 14.82 1.71
N TYR A 89 2.81 13.75 1.13
CA TYR A 89 3.26 13.30 -0.18
C TYR A 89 2.11 12.55 -0.85
N SER A 90 2.25 12.30 -2.14
CA SER A 90 1.26 11.52 -2.87
C SER A 90 1.96 10.45 -3.70
N TRP A 91 1.19 9.47 -4.16
CA TRP A 91 1.80 8.43 -4.98
C TRP A 91 0.78 7.91 -5.99
N GLU A 92 1.32 7.33 -7.07
CA GLU A 92 0.54 6.73 -8.14
C GLU A 92 1.18 5.38 -8.46
N ARG A 93 0.34 4.39 -8.78
CA ARG A 93 0.86 3.02 -8.89
C ARG A 93 0.12 2.27 -9.99
N THR A 94 0.86 1.43 -10.71
CA THR A 94 0.28 0.46 -11.63
C THR A 94 0.57 -0.92 -11.11
N MET A 95 -0.35 -1.85 -11.38
CA MET A 95 -0.29 -3.21 -10.88
C MET A 95 -0.70 -4.12 -12.03
N MET A 96 0.24 -4.87 -12.59
N MET A 96 0.23 -4.92 -12.54
CA MET A 96 -0.03 -5.74 -13.74
CA MET A 96 -0.01 -5.74 -13.72
C MET A 96 0.06 -7.19 -13.32
C MET A 96 0.08 -7.21 -13.35
N TYR A 97 -1.05 -7.91 -13.43
CA TYR A 97 -1.12 -9.31 -13.04
C TYR A 97 -0.77 -10.22 -14.22
N GLU A 98 -0.25 -11.40 -13.88
CA GLU A 98 0.24 -12.32 -14.90
C GLU A 98 -0.88 -12.84 -15.81
N ASP A 99 -2.14 -12.74 -15.37
CA ASP A 99 -3.29 -13.19 -16.13
C ASP A 99 -3.94 -12.08 -16.94
N GLY A 100 -3.29 -10.93 -17.08
CA GLY A 100 -3.81 -9.84 -17.88
C GLY A 100 -4.62 -8.81 -17.12
N ALA A 101 -5.01 -9.10 -15.88
CA ALA A 101 -5.70 -8.11 -15.07
C ALA A 101 -4.77 -6.93 -14.80
N THR A 102 -5.36 -5.74 -14.72
CA THR A 102 -4.58 -4.54 -14.43
C THR A 102 -5.33 -3.68 -13.42
N ALA A 103 -4.57 -2.94 -12.63
CA ALA A 103 -5.16 -2.01 -11.68
C ALA A 103 -4.27 -0.80 -11.58
N THR A 104 -4.88 0.32 -11.24
CA THR A 104 -4.15 1.55 -10.94
C THR A 104 -4.68 2.04 -9.60
N ALA A 105 -3.82 2.73 -8.85
CA ALA A 105 -4.26 3.27 -7.57
C ALA A 105 -3.47 4.55 -7.31
N SER A 106 -4.10 5.46 -6.56
CA SER A 106 -3.48 6.73 -6.18
C SER A 106 -3.82 7.01 -4.72
N ALA A 107 -2.94 7.74 -4.05
CA ALA A 107 -3.28 8.18 -2.69
C ALA A 107 -2.56 9.47 -2.40
N ARG A 108 -3.16 10.25 -1.50
CA ARG A 108 -2.55 11.44 -0.93
C ARG A 108 -2.51 11.25 0.57
N ILE A 109 -1.34 11.51 1.15
CA ILE A 109 -1.11 11.41 2.59
C ILE A 109 -0.93 12.84 3.11
N SER A 110 -1.79 13.24 4.04
CA SER A 110 -1.73 14.58 4.61
C SER A 110 -1.92 14.45 6.12
N LEU A 111 -2.01 15.59 6.81
CA LEU A 111 -2.18 15.62 8.25
C LEU A 111 -3.42 16.43 8.64
N ASP A 112 -4.12 15.97 9.68
CA ASP A 112 -5.04 16.86 10.38
C ASP A 112 -4.72 16.83 11.87
N LYS A 113 -5.57 17.45 12.70
CA LYS A 113 -5.28 17.53 14.13
C LYS A 113 -5.21 16.16 14.80
N ASN A 114 -5.76 15.11 14.18
CA ASN A 114 -5.77 13.80 14.82
C ASN A 114 -4.65 12.88 14.34
N GLY A 115 -3.98 13.21 13.24
CA GLY A 115 -2.98 12.33 12.68
C GLY A 115 -2.97 12.38 11.18
N PHE A 116 -2.67 11.26 10.52
CA PHE A 116 -2.64 11.22 9.06
C PHE A 116 -4.06 11.14 8.50
N VAL A 117 -4.23 11.74 7.34
CA VAL A 117 -5.42 11.56 6.51
C VAL A 117 -4.96 10.85 5.25
N HIS A 118 -5.57 9.71 4.95
CA HIS A 118 -5.16 8.87 3.83
C HIS A 118 -6.36 8.74 2.91
N LYS A 119 -6.29 9.38 1.73
CA LYS A 119 -7.36 9.37 0.74
C LYS A 119 -6.86 8.68 -0.50
N SER A 120 -7.58 7.67 -0.97
CA SER A 120 -7.06 6.86 -2.09
C SER A 120 -8.17 6.54 -3.09
N THR A 121 -7.74 6.16 -4.28
CA THR A 121 -8.64 5.61 -5.28
C THR A 121 -8.02 4.33 -5.84
N PHE A 122 -8.88 3.48 -6.40
CA PHE A 122 -8.47 2.20 -6.95
C PHE A 122 -9.31 1.90 -8.18
N HIS A 123 -8.69 1.43 -9.25
CA HIS A 123 -9.43 1.04 -10.45
C HIS A 123 -8.82 -0.24 -10.99
N GLY A 124 -9.61 -1.31 -11.04
CA GLY A 124 -9.15 -2.59 -11.55
C GLY A 124 -10.01 -3.06 -12.70
N GLU A 125 -9.39 -3.77 -13.65
CA GLU A 125 -10.16 -4.27 -14.78
C GLU A 125 -9.57 -5.58 -15.27
N ASN A 126 -10.44 -6.37 -15.88
CA ASN A 126 -10.07 -7.63 -16.56
C ASN A 126 -9.52 -8.66 -15.58
N PHE A 127 -10.03 -8.67 -14.35
CA PHE A 127 -9.80 -9.80 -13.47
C PHE A 127 -10.70 -10.95 -13.91
N PRO A 128 -10.15 -12.12 -14.26
CA PRO A 128 -10.98 -13.18 -14.85
C PRO A 128 -12.10 -13.62 -13.93
N ALA A 129 -13.29 -13.80 -14.53
CA ALA A 129 -14.49 -14.07 -13.72
C ALA A 129 -14.33 -15.34 -12.89
N ASN A 130 -13.64 -16.34 -13.42
CA ASN A 130 -13.46 -17.61 -12.72
C ASN A 130 -12.08 -17.75 -12.10
N GLY A 131 -11.29 -16.68 -12.09
CA GLY A 131 -9.97 -16.69 -11.52
C GLY A 131 -9.99 -16.53 -10.02
N PRO A 132 -8.83 -16.71 -9.40
CA PRO A 132 -8.79 -16.74 -7.93
C PRO A 132 -9.13 -15.41 -7.26
N VAL A 133 -8.90 -14.28 -7.92
CA VAL A 133 -9.29 -13.00 -7.32
C VAL A 133 -10.80 -12.90 -7.24
N MET A 134 -11.49 -13.14 -8.36
CA MET A 134 -12.95 -13.03 -8.35
C MET A 134 -13.61 -14.19 -7.61
N LYS A 135 -12.92 -15.30 -7.39
CA LYS A 135 -13.46 -16.35 -6.54
C LYS A 135 -13.02 -16.21 -5.08
N LYS A 136 -12.33 -15.12 -4.75
CA LYS A 136 -11.96 -14.79 -3.37
C LYS A 136 -11.11 -15.89 -2.75
N LYS A 137 -10.06 -16.29 -3.47
CA LYS A 137 -9.13 -17.32 -3.03
C LYS A 137 -7.84 -16.75 -2.45
N GLY A 138 -7.69 -15.42 -2.41
CA GLY A 138 -6.46 -14.86 -1.88
C GLY A 138 -6.37 -15.00 -0.38
N VAL A 139 -5.14 -15.19 0.11
CA VAL A 139 -4.88 -15.37 1.54
C VAL A 139 -3.97 -14.27 2.09
N ASP A 140 -2.83 -14.03 1.45
CA ASP A 140 -1.82 -13.06 1.90
C ASP A 140 -0.85 -12.83 0.75
N TRP A 141 -0.24 -11.64 0.72
CA TRP A 141 0.92 -11.40 -0.14
C TRP A 141 2.16 -12.02 0.49
N GLU A 142 3.08 -12.51 -0.36
CA GLU A 142 4.40 -12.85 0.14
C GLU A 142 5.09 -11.60 0.67
N PRO A 143 5.98 -11.72 1.66
CA PRO A 143 6.90 -10.62 1.94
C PRO A 143 7.64 -10.27 0.66
N SER A 144 7.97 -8.99 0.49
CA SER A 144 8.49 -8.52 -0.77
C SER A 144 9.69 -7.62 -0.53
N SER A 145 10.42 -7.35 -1.62
CA SER A 145 11.58 -6.48 -1.60
C SER A 145 11.43 -5.48 -2.74
N GLU A 146 11.15 -4.23 -2.39
CA GLU A 146 10.86 -3.16 -3.33
C GLU A 146 12.10 -2.31 -3.54
N THR A 147 12.53 -2.19 -4.79
CA THR A 147 13.67 -1.34 -5.12
C THR A 147 13.23 0.11 -5.26
N ILE A 148 13.88 1.02 -4.54
CA ILE A 148 13.55 2.44 -4.56
C ILE A 148 14.66 3.17 -5.29
N THR A 149 14.30 3.90 -6.34
CA THR A 149 15.28 4.55 -7.20
C THR A 149 14.98 6.04 -7.24
N PRO A 150 15.92 6.90 -6.88
CA PRO A 150 15.68 8.34 -6.98
C PRO A 150 15.82 8.82 -8.41
N GLU A 151 14.97 9.77 -8.78
CA GLU A 151 14.96 10.32 -10.14
C GLU A 151 14.60 11.78 -10.01
N ASP A 152 15.61 12.64 -10.14
CA ASP A 152 15.45 14.07 -9.89
C ASP A 152 14.85 14.28 -8.50
N GLY A 153 13.61 14.76 -8.41
CA GLY A 153 13.03 15.03 -7.11
C GLY A 153 12.04 14.01 -6.58
N ILE A 154 11.84 12.89 -7.29
CA ILE A 154 10.83 11.91 -6.94
C ILE A 154 11.48 10.55 -6.77
N LEU A 155 10.70 9.58 -6.29
CA LEU A 155 11.15 8.20 -6.14
C LEU A 155 10.31 7.28 -7.01
N LYS A 156 10.96 6.30 -7.62
CA LYS A 156 10.30 5.21 -8.31
C LYS A 156 10.51 3.94 -7.52
N GLY A 157 9.43 3.20 -7.29
CA GLY A 157 9.51 1.90 -6.63
C GLY A 157 9.06 0.80 -7.59
N ASP A 158 9.80 -0.30 -7.60
N ASP A 158 9.77 -0.32 -7.56
CA ASP A 158 9.46 -1.49 -8.38
CA ASP A 158 9.44 -1.48 -8.37
C ASP A 158 9.52 -2.69 -7.45
C ASP A 158 9.54 -2.72 -7.49
N VAL A 159 8.48 -3.52 -7.46
CA VAL A 159 8.45 -4.70 -6.62
C VAL A 159 7.63 -5.78 -7.31
N GLU A 160 8.18 -7.00 -7.36
CA GLU A 160 7.46 -8.18 -7.82
C GLU A 160 6.63 -8.70 -6.67
N MET A 161 5.32 -8.81 -6.87
CA MET A 161 4.40 -9.22 -5.82
C MET A 161 3.80 -10.58 -6.15
N PHE A 162 3.54 -11.38 -5.11
CA PHE A 162 3.07 -12.75 -5.26
C PHE A 162 1.92 -12.96 -4.28
N LEU A 163 0.70 -13.06 -4.79
CA LEU A 163 -0.46 -13.27 -3.95
C LEU A 163 -0.62 -14.75 -3.66
N VAL A 164 -0.53 -15.11 -2.37
CA VAL A 164 -0.71 -16.50 -1.98
C VAL A 164 -2.21 -16.81 -1.95
N LEU A 165 -2.59 -17.90 -2.59
CA LEU A 165 -3.96 -18.35 -2.64
C LEU A 165 -4.17 -19.51 -1.67
N GLU A 166 -5.43 -19.87 -1.45
CA GLU A 166 -5.72 -21.07 -0.68
C GLU A 166 -5.08 -22.25 -1.38
N GLY A 167 -4.41 -23.11 -0.61
CA GLY A 167 -3.69 -24.22 -1.19
C GLY A 167 -2.23 -23.95 -1.47
N GLY A 168 -1.81 -22.68 -1.50
CA GLY A 168 -0.41 -22.32 -1.56
C GLY A 168 0.08 -21.82 -2.90
N GLN A 169 -0.69 -21.98 -3.98
CA GLN A 169 -0.27 -21.42 -5.26
C GLN A 169 -0.12 -19.90 -5.12
N ARG A 170 0.75 -19.33 -5.96
CA ARG A 170 0.96 -17.88 -5.99
C ARG A 170 0.47 -17.31 -7.30
N LEU A 171 -0.13 -16.12 -7.23
CA LEU A 171 -0.50 -15.32 -8.39
C LEU A 171 0.44 -14.12 -8.48
N LYS A 172 1.09 -13.95 -9.63
CA LYS A 172 2.16 -12.98 -9.80
C LYS A 172 1.64 -11.64 -10.30
N ALA A 173 2.20 -10.55 -9.77
CA ALA A 173 1.90 -9.21 -10.25
C ALA A 173 3.15 -8.35 -10.16
N LEU A 174 3.24 -7.36 -11.04
N LEU A 174 3.25 -7.37 -11.05
CA LEU A 174 4.32 -6.39 -11.02
CA LEU A 174 4.33 -6.40 -11.00
C LEU A 174 3.75 -5.05 -10.58
C LEU A 174 3.75 -5.05 -10.58
N PHE A 175 4.33 -4.48 -9.53
CA PHE A 175 3.90 -3.19 -8.96
C PHE A 175 4.93 -2.14 -9.31
N GLN A 176 4.50 -1.01 -9.87
CA GLN A 176 5.38 0.12 -10.11
C GLN A 176 4.74 1.38 -9.54
N THR A 177 5.51 2.15 -8.78
CA THR A 177 4.97 3.26 -8.01
C THR A 177 5.85 4.48 -8.21
N THR A 178 5.23 5.66 -8.31
CA THR A 178 5.92 6.94 -8.30
C THR A 178 5.52 7.69 -7.04
N TYR A 179 6.51 8.08 -6.23
CA TYR A 179 6.28 8.76 -4.96
C TYR A 179 6.73 10.21 -5.08
N LYS A 180 5.89 11.15 -4.64
CA LYS A 180 6.12 12.56 -4.92
C LYS A 180 5.91 13.36 -3.64
N ALA A 181 6.99 13.96 -3.13
CA ALA A 181 6.88 14.87 -2.00
C ALA A 181 6.37 16.22 -2.49
N ASN A 182 5.72 16.95 -1.59
CA ASN A 182 5.20 18.22 -2.04
C ASN A 182 6.23 19.35 -1.99
N LYS A 183 7.52 19.03 -1.84
CA LYS A 183 8.55 20.06 -1.66
C LYS A 183 9.93 19.43 -1.85
N VAL A 184 10.93 20.29 -1.95
CA VAL A 184 12.32 19.86 -2.05
C VAL A 184 12.75 19.19 -0.74
N VAL A 185 13.23 17.96 -0.83
CA VAL A 185 13.79 17.21 0.30
C VAL A 185 15.15 16.66 -0.13
N LYS A 186 15.93 16.16 0.83
CA LYS A 186 17.21 15.56 0.51
C LYS A 186 16.97 14.15 -0.05
N MET A 187 17.46 13.89 -1.26
CA MET A 187 17.16 12.62 -1.91
C MET A 187 18.05 11.50 -1.36
N PRO A 188 17.49 10.30 -1.18
CA PRO A 188 18.31 9.15 -0.75
C PRO A 188 19.04 8.54 -1.94
N PRO A 189 19.97 7.61 -1.70
CA PRO A 189 20.48 6.78 -2.79
C PRO A 189 19.43 5.74 -3.16
N ARG A 190 19.71 5.04 -4.25
CA ARG A 190 18.99 3.81 -4.55
C ARG A 190 19.07 2.87 -3.36
N HIS A 191 17.93 2.35 -2.93
CA HIS A 191 17.90 1.43 -1.79
C HIS A 191 16.74 0.46 -1.98
N LYS A 192 16.48 -0.35 -0.96
CA LYS A 192 15.37 -1.29 -1.01
C LYS A 192 14.54 -1.16 0.26
N ILE A 193 13.25 -1.45 0.14
CA ILE A 193 12.36 -1.55 1.28
C ILE A 193 11.83 -2.98 1.32
N GLU A 194 12.03 -3.65 2.45
CA GLU A 194 11.50 -4.99 2.66
C GLU A 194 10.16 -4.87 3.37
N HIS A 195 9.14 -5.48 2.78
CA HIS A 195 7.77 -5.40 3.29
C HIS A 195 7.32 -6.75 3.81
N ARG A 196 6.46 -6.73 4.83
CA ARG A 196 5.65 -7.89 5.20
C ARG A 196 4.27 -7.38 5.58
N LEU A 197 3.30 -7.65 4.72
CA LEU A 197 1.91 -7.25 4.89
C LEU A 197 1.08 -8.48 5.21
N VAL A 198 0.33 -8.45 6.31
CA VAL A 198 -0.43 -9.60 6.77
C VAL A 198 -1.88 -9.18 6.98
N ARG A 199 -2.81 -9.99 6.49
CA ARG A 199 -4.23 -9.68 6.54
C ARG A 199 -4.95 -10.68 7.43
N SER A 200 -5.79 -10.17 8.33
CA SER A 200 -6.65 -10.99 9.18
C SER A 200 -8.02 -10.34 9.21
N GLU A 201 -8.95 -10.95 9.94
CA GLU A 201 -10.30 -10.41 10.04
C GLU A 201 -10.81 -10.50 11.47
N ASP A 202 -11.70 -9.57 11.81
CA ASP A 202 -12.41 -9.55 13.09
C ASP A 202 -13.87 -9.23 12.75
N GLY A 203 -14.66 -10.27 12.51
CA GLY A 203 -16.03 -10.06 12.07
C GLY A 203 -16.04 -9.40 10.71
N GLU A 204 -16.71 -8.25 10.61
CA GLU A 204 -16.77 -7.49 9.36
C GLU A 204 -15.59 -6.56 9.18
N THR A 205 -14.67 -6.51 10.15
CA THR A 205 -13.51 -5.64 10.04
C THR A 205 -12.36 -6.37 9.36
N ILE A 206 -11.81 -5.74 8.31
CA ILE A 206 -10.60 -6.23 7.68
C ILE A 206 -9.41 -5.61 8.41
N GLN A 207 -8.52 -6.46 8.91
CA GLN A 207 -7.34 -5.99 9.62
C GLN A 207 -6.10 -6.19 8.76
N LEU A 208 -5.24 -5.17 8.72
CA LEU A 208 -3.97 -5.25 8.02
C LEU A 208 -2.85 -4.85 8.96
N GLN A 209 -1.71 -5.53 8.82
CA GLN A 209 -0.50 -5.20 9.56
C GLN A 209 0.66 -5.18 8.56
N GLU A 210 1.39 -4.07 8.51
CA GLU A 210 2.59 -3.98 7.68
C GLU A 210 3.80 -3.65 8.55
N HIS A 211 4.91 -4.34 8.26
CA HIS A 211 6.23 -3.97 8.76
C HIS A 211 7.13 -3.72 7.56
N ALA A 212 7.84 -2.58 7.59
CA ALA A 212 8.62 -2.16 6.43
C ALA A 212 9.94 -1.57 6.91
N VAL A 213 11.04 -2.04 6.34
CA VAL A 213 12.38 -1.62 6.72
C VAL A 213 13.19 -1.28 5.48
N ALA A 214 13.79 -0.10 5.47
CA ALA A 214 14.68 0.29 4.38
C ALA A 214 16.08 -0.24 4.66
N LYS A 215 16.75 -0.69 3.60
CA LYS A 215 18.11 -1.22 3.69
C LYS A 215 18.94 -0.73 2.52
N TYR A 216 20.24 -0.62 2.74
CA TYR A 216 21.17 -0.34 1.65
C TYR A 216 21.36 -1.57 0.77
N PHE A 217 21.71 -1.34 -0.48
CA PHE A 217 22.22 -2.44 -1.30
C PHE A 217 23.65 -2.77 -0.91
N THR A 218 24.14 -3.89 -1.45
CA THR A 218 25.46 -4.43 -1.15
C THR A 218 25.57 -4.77 0.32
#